data_3OZI
#
_entry.id   3OZI
#
_cell.length_a   65.941
_cell.length_b   102.241
_cell.length_c   58.300
_cell.angle_alpha   90.000
_cell.angle_beta   90.000
_cell.angle_gamma   90.000
#
_symmetry.space_group_name_H-M   'P 21 21 2'
#
loop_
_entity.id
_entity.type
_entity.pdbx_description
1 polymer L6tr
2 non-polymer 'COBALT (II) ION'
3 water water
#
_entity_poly.entity_id   1
_entity_poly.type   'polypeptide(L)'
_entity_poly.pdbx_seq_one_letter_code
;SNAKDSIVNDDDDSTSEVDAISDSTNPSGSFPSVEYEVFLSFRGPDTREQFTDFLYQSLRRYKIHTFRDDDELLKGKEIG
PNLLRAIDQSKIYVPIISSGYADSKWCLMELAEIVRRQEEDPRRIILPIFYMVDPSDVRHQTGCYKKAFRKHANKFDGQT
IQNWKDALKKVGDLKGWHIGKNDKQGAIADKVSADIWSHISKEN
;
_entity_poly.pdbx_strand_id   A,B
#
loop_
_chem_comp.id
_chem_comp.type
_chem_comp.name
_chem_comp.formula
CO non-polymer 'COBALT (II) ION' 'Co 2'
#
# COMPACT_ATOMS: atom_id res chain seq x y z
N VAL A 34 21.55 -8.39 17.22
CA VAL A 34 22.40 -8.23 16.04
C VAL A 34 21.80 -9.02 14.89
N GLU A 35 20.54 -9.41 15.08
CA GLU A 35 19.80 -10.08 14.04
C GLU A 35 19.41 -9.13 12.90
N TYR A 36 19.32 -9.66 11.69
CA TYR A 36 18.77 -8.88 10.59
C TYR A 36 17.31 -8.57 10.93
N GLU A 37 16.85 -7.40 10.52
CA GLU A 37 15.49 -6.97 10.80
C GLU A 37 14.67 -6.77 9.53
N VAL A 38 15.33 -6.31 8.47
CA VAL A 38 14.68 -6.01 7.19
C VAL A 38 15.45 -6.70 6.05
N PHE A 39 14.71 -7.30 5.14
CA PHE A 39 15.29 -8.03 4.01
C PHE A 39 14.79 -7.34 2.73
N LEU A 40 15.69 -6.72 1.97
CA LEU A 40 15.31 -6.04 0.74
C LEU A 40 15.53 -7.00 -0.41
N SER A 41 14.46 -7.24 -1.19
CA SER A 41 14.53 -8.04 -2.43
C SER A 41 14.30 -7.14 -3.63
N PHE A 42 15.22 -7.14 -4.56
CA PHE A 42 15.13 -6.19 -5.67
C PHE A 42 15.86 -6.64 -6.93
N ARG A 43 15.49 -6.03 -8.05
CA ARG A 43 16.20 -6.24 -9.31
C ARG A 43 17.35 -5.22 -9.46
N GLY A 44 18.57 -5.66 -9.18
CA GLY A 44 19.76 -4.82 -9.19
C GLY A 44 19.83 -3.73 -10.26
N PRO A 45 19.84 -4.13 -11.53
CA PRO A 45 19.95 -3.17 -12.64
C PRO A 45 18.79 -2.17 -12.69
N ASP A 46 17.65 -2.51 -12.09
CA ASP A 46 16.52 -1.59 -12.08
C ASP A 46 16.60 -0.53 -10.99
N THR A 47 16.94 -0.93 -9.76
CA THR A 47 16.73 -0.03 -8.61
C THR A 47 17.92 0.15 -7.68
N ARG A 48 18.97 -0.62 -7.89
CA ARG A 48 20.19 -0.52 -7.06
C ARG A 48 20.60 0.94 -6.79
N GLU A 49 20.46 1.81 -7.78
CA GLU A 49 20.96 3.19 -7.68
C GLU A 49 19.84 4.19 -7.42
N GLN A 50 18.62 3.69 -7.31
CA GLN A 50 17.47 4.54 -7.12
C GLN A 50 16.80 4.28 -5.76
N PHE A 51 15.51 3.98 -5.76
CA PHE A 51 14.78 3.85 -4.50
C PHE A 51 15.39 2.85 -3.51
N THR A 52 15.86 1.71 -4.02
CA THR A 52 16.44 0.68 -3.14
C THR A 52 17.58 1.20 -2.27
N ASP A 53 18.47 1.96 -2.88
CA ASP A 53 19.58 2.57 -2.15
C ASP A 53 19.08 3.58 -1.12
N PHE A 54 18.15 4.45 -1.53
CA PHE A 54 17.60 5.46 -0.60
C PHE A 54 16.91 4.84 0.62
N LEU A 55 16.12 3.79 0.40
CA LEU A 55 15.48 3.08 1.50
C LEU A 55 16.56 2.45 2.37
N TYR A 56 17.57 1.88 1.74
CA TYR A 56 18.68 1.33 2.51
C TYR A 56 19.34 2.41 3.37
N GLN A 57 19.61 3.57 2.77
CA GLN A 57 20.19 4.69 3.52
C GLN A 57 19.32 5.15 4.68
N SER A 58 18.02 5.31 4.44
CA SER A 58 17.12 5.72 5.52
C SER A 58 17.04 4.67 6.62
N LEU A 59 16.96 3.39 6.24
CA LEU A 59 16.86 2.33 7.22
C LEU A 59 18.12 2.37 8.09
N ARG A 60 19.22 2.69 7.44
CA ARG A 60 20.53 2.69 8.06
C ARG A 60 20.65 3.87 9.03
N ARG A 61 19.95 4.96 8.73
CA ARG A 61 19.88 6.11 9.63
C ARG A 61 19.18 5.75 10.94
N TYR A 62 18.18 4.88 10.86
CA TYR A 62 17.54 4.32 12.05
C TYR A 62 18.40 3.22 12.65
N LYS A 63 19.54 2.92 12.03
CA LYS A 63 20.38 1.83 12.51
C LYS A 63 19.60 0.51 12.51
N ILE A 64 18.66 0.39 11.57
CA ILE A 64 17.95 -0.87 11.34
C ILE A 64 18.82 -1.81 10.51
N HIS A 65 19.08 -3.01 11.03
CA HIS A 65 19.96 -4.00 10.38
C HIS A 65 19.28 -4.61 9.16
N THR A 66 19.80 -4.28 7.99
CA THR A 66 19.12 -4.53 6.73
C THR A 66 19.98 -5.29 5.73
N PHE A 67 19.44 -6.38 5.20
CA PHE A 67 20.12 -7.16 4.18
C PHE A 67 19.69 -6.72 2.78
N ARG A 68 20.66 -6.49 1.90
CA ARG A 68 20.39 -6.18 0.51
C ARG A 68 20.53 -7.40 -0.39
N ASP A 69 19.40 -8.05 -0.70
CA ASP A 69 19.39 -9.22 -1.57
C ASP A 69 19.53 -8.80 -3.04
N ASP A 70 20.74 -8.36 -3.40
CA ASP A 70 21.04 -7.95 -4.78
C ASP A 70 21.20 -9.20 -5.69
N ASP A 71 20.48 -9.24 -6.79
CA ASP A 71 20.51 -10.44 -7.64
C ASP A 71 21.78 -10.60 -8.50
N GLU A 72 22.70 -9.64 -8.38
CA GLU A 72 23.98 -9.76 -9.07
C GLU A 72 25.22 -9.87 -8.16
N LEU A 73 25.21 -9.25 -6.99
CA LEU A 73 26.47 -8.99 -6.28
C LEU A 73 26.76 -9.82 -5.03
N LEU A 74 25.96 -10.86 -4.77
CA LEU A 74 26.20 -11.74 -3.63
C LEU A 74 27.53 -12.50 -3.76
N LYS A 75 28.16 -12.82 -2.62
CA LYS A 75 29.34 -13.69 -2.59
C LYS A 75 28.99 -14.99 -1.88
N GLY A 76 29.83 -16.01 -2.08
CA GLY A 76 29.54 -17.36 -1.59
C GLY A 76 29.66 -17.53 -0.08
N LYS A 77 30.61 -16.82 0.52
CA LYS A 77 30.74 -16.81 1.97
C LYS A 77 29.55 -16.09 2.59
N GLU A 78 28.78 -15.41 1.75
CA GLU A 78 27.63 -14.65 2.21
C GLU A 78 26.32 -15.42 2.09
N ILE A 79 26.34 -16.59 1.46
CA ILE A 79 25.11 -17.33 1.32
C ILE A 79 24.63 -17.86 2.67
N GLY A 80 25.56 -18.31 3.50
CA GLY A 80 25.19 -18.83 4.81
C GLY A 80 24.99 -17.76 5.86
N PRO A 81 26.11 -17.19 6.34
CA PRO A 81 26.10 -16.25 7.48
C PRO A 81 25.38 -14.93 7.18
N ASN A 82 24.93 -14.73 5.94
CA ASN A 82 24.19 -13.52 5.63
C ASN A 82 22.82 -13.80 5.02
N LEU A 83 22.82 -14.17 3.74
CA LEU A 83 21.57 -14.38 3.01
C LEU A 83 20.58 -15.19 3.83
N LEU A 84 20.96 -16.42 4.16
CA LEU A 84 20.04 -17.34 4.83
C LEU A 84 19.72 -16.90 6.26
N ARG A 85 20.73 -16.41 6.96
CA ARG A 85 20.52 -15.80 8.27
C ARG A 85 19.49 -14.67 8.18
N ALA A 86 19.66 -13.79 7.19
CA ALA A 86 18.79 -12.63 7.02
C ALA A 86 17.39 -13.02 6.63
N ILE A 87 17.25 -14.03 5.77
CA ILE A 87 15.93 -14.43 5.36
C ILE A 87 15.25 -15.19 6.50
N ASP A 88 16.04 -15.84 7.33
CA ASP A 88 15.53 -16.51 8.52
C ASP A 88 15.11 -15.50 9.61
N GLN A 89 15.98 -14.53 9.90
CA GLN A 89 15.80 -13.66 11.07
C GLN A 89 14.90 -12.45 10.84
N SER A 90 14.95 -11.90 9.62
CA SER A 90 14.17 -10.71 9.28
C SER A 90 12.68 -10.97 9.39
N LYS A 91 11.97 -10.11 10.09
CA LYS A 91 10.52 -10.25 10.21
C LYS A 91 9.80 -9.26 9.29
N ILE A 92 10.56 -8.54 8.46
CA ILE A 92 9.98 -7.63 7.48
C ILE A 92 10.71 -7.80 6.17
N TYR A 93 9.95 -8.10 5.12
CA TYR A 93 10.53 -8.28 3.79
C TYR A 93 10.01 -7.18 2.88
N VAL A 94 10.93 -6.55 2.16
CA VAL A 94 10.56 -5.48 1.25
C VAL A 94 10.90 -5.85 -0.20
N PRO A 95 9.91 -6.38 -0.94
CA PRO A 95 10.15 -6.66 -2.36
C PRO A 95 9.96 -5.39 -3.20
N ILE A 96 11.04 -4.88 -3.75
CA ILE A 96 10.96 -3.70 -4.59
C ILE A 96 10.79 -4.19 -6.02
N ILE A 97 9.55 -4.19 -6.48
CA ILE A 97 9.20 -4.88 -7.72
C ILE A 97 9.16 -3.89 -8.88
N SER A 98 10.20 -3.95 -9.70
CA SER A 98 10.37 -3.13 -10.89
C SER A 98 10.01 -3.93 -12.14
N SER A 99 10.17 -3.32 -13.31
CA SER A 99 9.68 -3.94 -14.55
C SER A 99 10.55 -5.12 -14.98
N GLY A 100 11.79 -5.14 -14.49
CA GLY A 100 12.69 -6.24 -14.78
C GLY A 100 12.75 -7.31 -13.70
N TYR A 101 11.89 -7.21 -12.70
CA TYR A 101 11.93 -8.15 -11.57
C TYR A 101 11.77 -9.61 -11.99
N ALA A 102 10.79 -9.90 -12.85
CA ALA A 102 10.55 -11.28 -13.26
C ALA A 102 11.57 -11.82 -14.29
N ASP A 103 12.39 -10.94 -14.85
CA ASP A 103 13.47 -11.38 -15.72
C ASP A 103 14.50 -12.16 -14.94
N SER A 104 14.65 -11.82 -13.66
CA SER A 104 15.62 -12.47 -12.80
C SER A 104 15.02 -13.67 -12.03
N LYS A 105 15.51 -14.86 -12.34
CA LYS A 105 15.06 -16.07 -11.67
C LYS A 105 15.38 -16.01 -10.16
N TRP A 106 16.45 -15.30 -9.82
CA TRP A 106 16.82 -15.17 -8.41
C TRP A 106 15.74 -14.39 -7.66
N CYS A 107 15.28 -13.29 -8.26
CA CYS A 107 14.19 -12.49 -7.67
C CYS A 107 12.92 -13.31 -7.47
N LEU A 108 12.51 -14.03 -8.52
CA LEU A 108 11.31 -14.87 -8.47
C LEU A 108 11.41 -15.96 -7.41
N MET A 109 12.55 -16.65 -7.40
CA MET A 109 12.85 -17.67 -6.38
C MET A 109 12.76 -17.11 -4.97
N GLU A 110 13.37 -15.95 -4.76
CA GLU A 110 13.41 -15.32 -3.43
C GLU A 110 12.03 -14.84 -2.98
N LEU A 111 11.28 -14.24 -3.90
CA LEU A 111 9.90 -13.86 -3.61
C LEU A 111 9.07 -15.07 -3.17
N ALA A 112 9.16 -16.16 -3.91
CA ALA A 112 8.46 -17.40 -3.54
C ALA A 112 8.85 -17.89 -2.14
N GLU A 113 10.12 -17.74 -1.79
CA GLU A 113 10.61 -18.11 -0.46
C GLU A 113 10.03 -17.18 0.62
N ILE A 114 10.09 -15.88 0.34
CA ILE A 114 9.58 -14.86 1.23
C ILE A 114 8.12 -15.12 1.50
N VAL A 115 7.37 -15.35 0.42
CA VAL A 115 5.95 -15.69 0.51
C VAL A 115 5.72 -16.98 1.32
N ARG A 116 6.58 -17.98 1.12
CA ARG A 116 6.47 -19.22 1.88
C ARG A 116 6.74 -19.02 3.37
N ARG A 117 7.75 -18.20 3.67
CA ARG A 117 8.13 -17.94 5.05
C ARG A 117 7.10 -17.12 5.85
N GLN A 118 6.43 -16.16 5.20
CA GLN A 118 5.39 -15.42 5.88
C GLN A 118 4.10 -16.23 6.10
N GLU A 119 3.80 -17.17 5.19
CA GLU A 119 2.66 -18.05 5.41
C GLU A 119 2.93 -18.98 6.59
N GLU A 120 4.17 -19.43 6.71
CA GLU A 120 4.62 -20.30 7.78
C GLU A 120 4.67 -19.58 9.12
N ASP A 121 4.86 -18.26 9.08
CA ASP A 121 4.92 -17.47 10.30
C ASP A 121 4.39 -16.07 10.05
N PRO A 122 3.06 -15.90 10.10
CA PRO A 122 2.38 -14.66 9.72
C PRO A 122 2.56 -13.52 10.73
N ARG A 123 3.53 -13.65 11.63
CA ARG A 123 3.95 -12.48 12.39
C ARG A 123 4.85 -11.66 11.47
N ARG A 124 5.43 -12.36 10.50
CA ARG A 124 6.24 -11.72 9.47
C ARG A 124 5.32 -10.96 8.51
N ILE A 125 5.83 -9.86 7.97
CA ILE A 125 5.04 -9.08 7.00
C ILE A 125 5.84 -8.83 5.74
N ILE A 126 5.13 -8.64 4.63
CA ILE A 126 5.70 -8.31 3.35
C ILE A 126 5.21 -6.93 2.91
N LEU A 127 6.15 -6.06 2.53
CA LEU A 127 5.86 -4.67 2.19
C LEU A 127 6.32 -4.36 0.77
N PRO A 128 5.43 -4.55 -0.22
CA PRO A 128 5.82 -4.37 -1.61
C PRO A 128 5.98 -2.91 -2.02
N ILE A 129 7.05 -2.63 -2.75
CA ILE A 129 7.20 -1.37 -3.44
C ILE A 129 7.00 -1.60 -4.94
N PHE A 130 6.01 -0.92 -5.52
CA PHE A 130 5.73 -1.03 -6.94
C PHE A 130 6.48 0.08 -7.68
N TYR A 131 7.67 -0.26 -8.16
CA TYR A 131 8.59 0.74 -8.70
C TYR A 131 8.38 0.93 -10.18
N MET A 132 7.59 1.95 -10.54
CA MET A 132 7.32 2.31 -11.94
C MET A 132 6.63 1.22 -12.72
N VAL A 133 5.78 0.45 -12.05
CA VAL A 133 4.96 -0.55 -12.71
C VAL A 133 3.53 -0.39 -12.22
N ASP A 134 2.54 -0.72 -13.05
CA ASP A 134 1.18 -0.79 -12.54
C ASP A 134 1.10 -2.02 -11.66
N PRO A 135 0.57 -1.86 -10.45
CA PRO A 135 0.28 -3.02 -9.59
C PRO A 135 -0.51 -4.10 -10.34
N SER A 136 -1.45 -3.68 -11.17
CA SER A 136 -2.19 -4.55 -12.11
C SER A 136 -1.28 -5.59 -12.76
N ASP A 137 -0.21 -5.10 -13.36
CA ASP A 137 0.75 -5.97 -14.04
C ASP A 137 1.46 -6.96 -13.10
N VAL A 138 1.83 -6.51 -11.91
CA VAL A 138 2.45 -7.45 -10.97
C VAL A 138 1.42 -8.52 -10.60
N ARG A 139 0.23 -8.06 -10.28
CA ARG A 139 -0.88 -8.93 -9.87
C ARG A 139 -1.24 -10.00 -10.90
N HIS A 140 -1.17 -9.66 -12.19
CA HIS A 140 -1.61 -10.57 -13.24
C HIS A 140 -0.44 -11.00 -14.13
N GLN A 141 0.75 -10.51 -13.81
CA GLN A 141 1.94 -10.88 -14.58
C GLN A 141 1.70 -10.56 -16.04
N THR A 142 1.19 -9.36 -16.30
CA THR A 142 0.95 -8.90 -17.66
C THR A 142 1.98 -7.82 -17.98
N GLY A 143 1.81 -7.17 -19.13
CA GLY A 143 2.72 -6.13 -19.57
C GLY A 143 4.16 -6.62 -19.61
N CYS A 144 5.06 -5.87 -18.99
CA CYS A 144 6.48 -6.21 -18.94
C CYS A 144 6.75 -7.66 -18.48
N TYR A 145 5.86 -8.22 -17.67
CA TYR A 145 6.15 -9.52 -17.10
C TYR A 145 5.84 -10.70 -18.03
N LYS A 146 5.08 -10.46 -19.10
CA LYS A 146 4.69 -11.52 -20.02
C LYS A 146 5.90 -12.27 -20.58
N LYS A 147 6.77 -11.51 -21.25
CA LYS A 147 7.93 -12.08 -21.90
C LYS A 147 8.88 -12.73 -20.90
N ALA A 148 8.99 -12.17 -19.70
CA ALA A 148 9.83 -12.80 -18.70
C ALA A 148 9.38 -14.24 -18.48
N PHE A 149 8.08 -14.43 -18.22
CA PHE A 149 7.56 -15.77 -17.95
C PHE A 149 7.58 -16.65 -19.19
N ARG A 150 7.44 -16.04 -20.36
CA ARG A 150 7.59 -16.78 -21.60
C ARG A 150 8.97 -17.42 -21.64
N LYS A 151 9.98 -16.67 -21.21
CA LYS A 151 11.36 -17.11 -21.32
C LYS A 151 11.72 -18.19 -20.29
N HIS A 152 11.27 -18.02 -19.05
CA HIS A 152 11.50 -19.02 -18.01
C HIS A 152 10.86 -20.37 -18.35
N ALA A 153 9.72 -20.31 -19.04
CA ALA A 153 8.99 -21.50 -19.50
C ALA A 153 9.78 -22.31 -20.53
N ASN A 154 10.88 -21.76 -21.02
CA ASN A 154 11.79 -22.54 -21.85
C ASN A 154 12.62 -23.53 -21.03
N LYS A 155 12.78 -23.27 -19.74
CA LYS A 155 13.68 -24.06 -18.90
C LYS A 155 13.01 -24.68 -17.67
N PHE A 156 11.85 -24.18 -17.31
CA PHE A 156 11.17 -24.71 -16.12
C PHE A 156 9.78 -25.24 -16.43
N ASP A 157 9.38 -26.24 -15.67
CA ASP A 157 8.09 -26.89 -15.86
C ASP A 157 6.94 -26.00 -15.34
N GLY A 158 5.70 -26.39 -15.62
CA GLY A 158 4.53 -25.59 -15.29
C GLY A 158 4.31 -25.29 -13.81
N GLN A 159 4.54 -26.28 -12.97
CA GLN A 159 4.40 -26.13 -11.52
C GLN A 159 5.35 -25.04 -10.99
N THR A 160 6.56 -25.00 -11.55
CA THR A 160 7.57 -24.06 -11.09
C THR A 160 7.21 -22.64 -11.52
N ILE A 161 6.79 -22.51 -12.78
CA ILE A 161 6.36 -21.22 -13.30
C ILE A 161 5.17 -20.71 -12.49
N GLN A 162 4.23 -21.60 -12.22
CA GLN A 162 2.98 -21.23 -11.55
C GLN A 162 3.21 -20.77 -10.10
N ASN A 163 4.13 -21.43 -9.41
CA ASN A 163 4.48 -21.03 -8.06
C ASN A 163 5.04 -19.61 -8.08
N TRP A 164 5.80 -19.29 -9.13
CA TRP A 164 6.36 -17.95 -9.25
C TRP A 164 5.28 -16.92 -9.56
N LYS A 165 4.33 -17.29 -10.43
CA LYS A 165 3.22 -16.39 -10.73
C LYS A 165 2.37 -16.13 -9.49
N ASP A 166 2.10 -17.19 -8.73
CA ASP A 166 1.30 -17.09 -7.51
C ASP A 166 1.96 -16.18 -6.46
N ALA A 167 3.30 -16.18 -6.43
CA ALA A 167 4.02 -15.30 -5.51
C ALA A 167 3.81 -13.83 -5.87
N LEU A 168 3.96 -13.52 -7.15
CA LEU A 168 3.75 -12.15 -7.62
C LEU A 168 2.31 -11.72 -7.37
N LYS A 169 1.37 -12.63 -7.59
CA LYS A 169 -0.03 -12.29 -7.39
C LYS A 169 -0.31 -12.02 -5.90
N LYS A 170 0.11 -12.96 -5.05
CA LYS A 170 -0.02 -12.78 -3.62
C LYS A 170 0.55 -11.45 -3.13
N VAL A 171 1.80 -11.17 -3.50
CA VAL A 171 2.47 -9.95 -3.07
C VAL A 171 1.88 -8.70 -3.74
N GLY A 172 1.56 -8.79 -5.02
CA GLY A 172 0.92 -7.68 -5.72
C GLY A 172 -0.41 -7.22 -5.13
N ASP A 173 -1.11 -8.16 -4.47
CA ASP A 173 -2.39 -7.88 -3.79
C ASP A 173 -2.26 -7.34 -2.36
N LEU A 174 -1.03 -7.14 -1.86
CA LEU A 174 -0.82 -6.63 -0.50
C LEU A 174 -0.72 -5.11 -0.54
N LYS A 175 -1.07 -4.45 0.56
CA LYS A 175 -0.85 -3.00 0.67
C LYS A 175 0.64 -2.66 0.60
N GLY A 176 0.95 -1.52 0.00
CA GLY A 176 2.32 -1.17 -0.27
C GLY A 176 2.42 0.25 -0.79
N TRP A 177 3.54 0.58 -1.39
CA TRP A 177 3.72 1.92 -1.93
C TRP A 177 4.05 1.84 -3.41
N HIS A 178 3.42 2.71 -4.19
CA HIS A 178 3.79 2.85 -5.58
C HIS A 178 4.79 3.99 -5.76
N ILE A 179 5.75 3.78 -6.64
CA ILE A 179 6.63 4.88 -7.03
C ILE A 179 6.51 5.19 -8.52
N GLY A 180 6.26 6.44 -8.84
CA GLY A 180 6.15 6.86 -10.22
C GLY A 180 7.22 7.88 -10.61
N LYS A 181 7.21 8.31 -11.86
CA LYS A 181 8.21 9.25 -12.35
C LYS A 181 8.15 10.61 -11.65
N ASN A 182 7.00 10.99 -11.13
CA ASN A 182 6.90 12.29 -10.46
C ASN A 182 7.16 12.26 -8.97
N ASP A 183 7.28 11.05 -8.41
CA ASP A 183 7.56 10.91 -6.98
C ASP A 183 8.95 11.36 -6.62
N LYS A 184 9.05 11.89 -5.39
CA LYS A 184 10.32 12.19 -4.74
C LYS A 184 10.68 10.99 -3.89
N GLN A 185 11.57 10.15 -4.40
CA GLN A 185 11.78 8.82 -3.81
C GLN A 185 12.38 8.86 -2.40
N GLY A 186 13.15 9.89 -2.12
CA GLY A 186 13.70 10.08 -0.79
C GLY A 186 12.60 10.32 0.23
N ALA A 187 11.55 11.03 -0.19
CA ALA A 187 10.42 11.25 0.69
C ALA A 187 9.74 9.92 1.02
N ILE A 188 9.56 9.08 0.01
CA ILE A 188 8.90 7.79 0.19
C ILE A 188 9.76 6.87 1.03
N ALA A 189 11.06 6.84 0.74
CA ALA A 189 11.98 6.01 1.51
C ALA A 189 11.85 6.32 3.00
N ASP A 190 11.73 7.61 3.31
CA ASP A 190 11.62 8.10 4.68
C ASP A 190 10.33 7.64 5.33
N LYS A 191 9.25 7.62 4.55
CA LYS A 191 7.96 7.21 5.08
C LYS A 191 7.92 5.71 5.30
N VAL A 192 8.49 4.95 4.36
CA VAL A 192 8.62 3.51 4.53
C VAL A 192 9.50 3.15 5.72
N SER A 193 10.65 3.83 5.85
CA SER A 193 11.52 3.66 7.01
C SER A 193 10.78 3.87 8.33
N ALA A 194 9.99 4.95 8.39
CA ALA A 194 9.30 5.28 9.65
C ALA A 194 8.27 4.21 9.99
N ASP A 195 7.52 3.79 8.98
CA ASP A 195 6.51 2.75 9.12
C ASP A 195 7.16 1.46 9.62
N ILE A 196 8.27 1.11 8.97
CA ILE A 196 9.05 -0.06 9.34
C ILE A 196 9.56 0.07 10.77
N TRP A 197 10.07 1.25 11.12
CA TRP A 197 10.56 1.49 12.46
C TRP A 197 9.47 1.37 13.54
N SER A 198 8.30 1.96 13.31
CA SER A 198 7.16 1.81 14.22
C SER A 198 6.86 0.35 14.45
N HIS A 199 6.72 -0.39 13.35
CA HIS A 199 6.39 -1.80 13.43
C HIS A 199 7.44 -2.60 14.20
N ILE A 200 8.72 -2.37 13.94
CA ILE A 200 9.78 -3.08 14.65
C ILE A 200 9.68 -2.83 16.16
N SER A 201 9.41 -1.58 16.52
CA SER A 201 9.37 -1.18 17.92
C SER A 201 8.14 -1.76 18.66
N LYS A 202 6.95 -1.59 18.11
CA LYS A 202 5.78 -2.26 18.66
C LYS A 202 6.07 -3.77 18.67
N GLU A 203 6.96 -4.19 17.78
CA GLU A 203 7.50 -5.55 17.75
C GLU A 203 6.66 -6.49 16.89
N VAL B 34 -22.98 -3.75 16.71
CA VAL B 34 -23.47 -2.45 17.17
C VAL B 34 -22.39 -1.38 17.05
N GLU B 35 -21.27 -1.59 17.71
CA GLU B 35 -20.14 -0.67 17.64
C GLU B 35 -19.47 -0.70 16.26
N TYR B 36 -19.21 0.46 15.69
CA TYR B 36 -18.57 0.54 14.37
C TYR B 36 -17.11 0.11 14.43
N GLU B 37 -16.66 -0.55 13.36
CA GLU B 37 -15.28 -1.04 13.31
C GLU B 37 -14.50 -0.42 12.15
N VAL B 38 -15.18 -0.21 11.03
CA VAL B 38 -14.55 0.34 9.82
C VAL B 38 -15.31 1.55 9.26
N PHE B 39 -14.57 2.56 8.83
CA PHE B 39 -15.13 3.80 8.35
C PHE B 39 -14.69 4.07 6.89
N LEU B 40 -15.63 4.04 5.96
CA LEU B 40 -15.30 4.28 4.55
C LEU B 40 -15.52 5.74 4.16
N SER B 41 -14.46 6.39 3.70
CA SER B 41 -14.53 7.77 3.23
C SER B 41 -14.32 7.79 1.72
N PHE B 42 -15.31 8.29 0.99
CA PHE B 42 -15.24 8.25 -0.46
C PHE B 42 -16.04 9.35 -1.15
N ARG B 43 -15.69 9.57 -2.42
CA ARG B 43 -16.41 10.48 -3.28
C ARG B 43 -17.57 9.74 -3.98
N GLY B 44 -18.77 9.92 -3.43
CA GLY B 44 -19.97 9.25 -3.94
C GLY B 44 -19.99 8.95 -5.43
N PRO B 45 -20.01 10.02 -6.26
CA PRO B 45 -20.13 9.91 -7.72
C PRO B 45 -19.00 9.15 -8.39
N ASP B 46 -17.85 9.04 -7.73
CA ASP B 46 -16.74 8.31 -8.33
C ASP B 46 -16.84 6.78 -8.14
N THR B 47 -17.18 6.35 -6.92
CA THR B 47 -16.95 4.96 -6.53
C THR B 47 -18.12 4.29 -5.81
N ARG B 48 -19.15 5.06 -5.51
CA ARG B 48 -20.26 4.53 -4.75
C ARG B 48 -20.85 3.23 -5.32
N GLU B 49 -20.72 3.03 -6.63
CA GLU B 49 -21.30 1.88 -7.32
C GLU B 49 -20.27 0.79 -7.63
N GLN B 50 -19.00 1.12 -7.51
CA GLN B 50 -17.91 0.21 -7.87
C GLN B 50 -17.24 -0.33 -6.62
N PHE B 51 -15.94 -0.09 -6.51
CA PHE B 51 -15.14 -0.64 -5.44
C PHE B 51 -15.73 -0.42 -4.06
N THR B 52 -16.13 0.80 -3.76
CA THR B 52 -16.66 1.14 -2.46
C THR B 52 -17.79 0.19 -2.07
N ASP B 53 -18.72 -0.04 -2.99
CA ASP B 53 -19.81 -0.98 -2.73
C ASP B 53 -19.30 -2.42 -2.56
N PHE B 54 -18.41 -2.87 -3.45
CA PHE B 54 -17.82 -4.22 -3.35
C PHE B 54 -17.14 -4.44 -1.99
N LEU B 55 -16.39 -3.44 -1.54
CA LEU B 55 -15.69 -3.51 -0.25
C LEU B 55 -16.71 -3.56 0.89
N TYR B 56 -17.75 -2.72 0.79
CA TYR B 56 -18.82 -2.74 1.77
C TYR B 56 -19.44 -4.13 1.92
N GLN B 57 -19.78 -4.75 0.79
CA GLN B 57 -20.37 -6.09 0.78
C GLN B 57 -19.48 -7.15 1.46
N SER B 58 -18.20 -7.16 1.09
CA SER B 58 -17.23 -8.09 1.64
C SER B 58 -17.08 -7.93 3.14
N LEU B 59 -16.99 -6.69 3.59
CA LEU B 59 -16.90 -6.44 5.02
C LEU B 59 -18.11 -7.00 5.76
N ARG B 60 -19.29 -6.94 5.15
CA ARG B 60 -20.50 -7.47 5.80
C ARG B 60 -20.48 -8.99 5.91
N ARG B 61 -19.93 -9.64 4.89
CA ARG B 61 -19.75 -11.08 4.89
C ARG B 61 -18.91 -11.50 6.09
N TYR B 62 -18.08 -10.59 6.58
CA TYR B 62 -17.26 -10.86 7.76
C TYR B 62 -17.95 -10.32 9.00
N LYS B 63 -19.16 -9.81 8.83
CA LYS B 63 -19.89 -9.16 9.93
C LYS B 63 -19.04 -8.05 10.57
N ILE B 64 -18.31 -7.31 9.73
CA ILE B 64 -17.59 -6.13 10.20
C ILE B 64 -18.53 -4.93 10.13
N HIS B 65 -18.78 -4.30 11.26
CA HIS B 65 -19.68 -3.15 11.28
C HIS B 65 -19.01 -1.93 10.61
N THR B 66 -19.54 -1.57 9.45
CA THR B 66 -18.93 -0.59 8.57
C THR B 66 -19.85 0.59 8.29
N PHE B 67 -19.29 1.80 8.35
CA PHE B 67 -20.01 3.02 8.01
C PHE B 67 -19.61 3.54 6.64
N ARG B 68 -20.59 3.94 5.85
CA ARG B 68 -20.33 4.52 4.55
C ARG B 68 -20.48 6.04 4.57
N ASP B 69 -19.37 6.75 4.64
CA ASP B 69 -19.41 8.21 4.68
C ASP B 69 -19.62 8.75 3.26
N ASP B 70 -20.82 8.57 2.74
CA ASP B 70 -21.17 9.06 1.42
C ASP B 70 -21.28 10.59 1.47
N ASP B 71 -20.54 11.29 0.61
CA ASP B 71 -20.51 12.76 0.70
C ASP B 71 -21.81 13.43 0.20
N GLU B 72 -22.74 12.61 -0.31
CA GLU B 72 -23.99 13.13 -0.87
C GLU B 72 -25.27 12.64 -0.20
N LEU B 73 -25.27 11.39 0.25
CA LEU B 73 -26.52 10.73 0.64
C LEU B 73 -26.78 10.57 2.14
N LEU B 74 -25.88 11.03 3.00
CA LEU B 74 -26.11 10.91 4.44
C LEU B 74 -27.33 11.72 4.91
N LYS B 75 -28.03 11.23 5.93
CA LYS B 75 -29.24 11.88 6.47
C LYS B 75 -29.01 12.64 7.79
N GLY B 76 -29.87 13.62 8.05
CA GLY B 76 -29.72 14.49 9.21
C GLY B 76 -29.70 13.80 10.55
N LYS B 77 -30.50 12.75 10.70
CA LYS B 77 -30.56 12.00 11.96
C LYS B 77 -29.42 10.99 12.05
N GLU B 78 -28.52 11.03 11.07
CA GLU B 78 -27.35 10.15 11.06
C GLU B 78 -26.10 10.85 11.61
N ILE B 79 -26.10 12.18 11.59
CA ILE B 79 -24.94 12.93 12.05
C ILE B 79 -24.45 12.42 13.40
N GLY B 80 -25.32 12.47 14.40
CA GLY B 80 -24.93 12.04 15.73
C GLY B 80 -24.84 10.53 15.83
N PRO B 81 -26.01 9.86 15.69
CA PRO B 81 -26.20 8.43 15.97
C PRO B 81 -25.32 7.54 15.10
N ASN B 82 -24.87 8.07 13.97
CA ASN B 82 -24.07 7.26 13.08
C ASN B 82 -22.69 7.85 12.82
N LEU B 83 -22.66 9.04 12.20
CA LEU B 83 -21.42 9.61 11.70
C LEU B 83 -20.38 9.83 12.79
N LEU B 84 -20.71 10.65 13.78
CA LEU B 84 -19.77 10.92 14.86
C LEU B 84 -19.42 9.65 15.64
N ARG B 85 -20.43 8.83 15.93
CA ARG B 85 -20.18 7.58 16.63
C ARG B 85 -19.24 6.68 15.83
N ALA B 86 -19.53 6.50 14.54
CA ALA B 86 -18.70 5.69 13.65
C ALA B 86 -17.26 6.20 13.58
N ILE B 87 -17.11 7.52 13.44
CA ILE B 87 -15.78 8.10 13.34
C ILE B 87 -15.09 8.02 14.70
N ASP B 88 -15.88 8.04 15.78
CA ASP B 88 -15.39 7.85 17.14
C ASP B 88 -14.96 6.41 17.42
N GLN B 89 -15.74 5.44 16.93
CA GLN B 89 -15.55 4.04 17.33
C GLN B 89 -14.63 3.25 16.39
N SER B 90 -14.68 3.57 15.11
CA SER B 90 -13.92 2.84 14.10
C SER B 90 -12.43 2.90 14.42
N LYS B 91 -11.78 1.75 14.38
CA LYS B 91 -10.33 1.72 14.57
C LYS B 91 -9.62 1.58 13.22
N ILE B 92 -10.40 1.44 12.16
CA ILE B 92 -9.84 1.41 10.81
C ILE B 92 -10.57 2.36 9.89
N TYR B 93 -9.84 3.30 9.29
CA TYR B 93 -10.42 4.21 8.30
C TYR B 93 -9.90 3.88 6.92
N VAL B 94 -10.82 3.85 5.95
CA VAL B 94 -10.47 3.57 4.57
C VAL B 94 -10.85 4.74 3.65
N PRO B 95 -9.90 5.63 3.35
CA PRO B 95 -10.16 6.68 2.36
C PRO B 95 -10.02 6.15 0.94
N ILE B 96 -11.12 6.08 0.20
CA ILE B 96 -11.06 5.61 -1.17
C ILE B 96 -10.90 6.85 -2.01
N ILE B 97 -9.67 7.13 -2.41
CA ILE B 97 -9.36 8.44 -2.99
C ILE B 97 -9.33 8.37 -4.51
N SER B 98 -10.37 8.93 -5.12
CA SER B 98 -10.53 8.97 -6.56
C SER B 98 -10.23 10.38 -7.10
N SER B 99 -10.41 10.58 -8.40
CA SER B 99 -9.99 11.82 -9.04
C SER B 99 -10.85 13.02 -8.64
N GLY B 100 -12.10 12.77 -8.27
CA GLY B 100 -13.01 13.81 -7.83
C GLY B 100 -13.07 14.04 -6.31
N TYR B 101 -12.22 13.33 -5.57
CA TYR B 101 -12.23 13.37 -4.10
C TYR B 101 -11.98 14.76 -3.52
N ALA B 102 -11.01 15.49 -4.08
CA ALA B 102 -10.77 16.84 -3.60
C ALA B 102 -11.78 17.88 -4.10
N ASP B 103 -12.60 17.52 -5.09
CA ASP B 103 -13.66 18.43 -5.53
C ASP B 103 -14.69 18.60 -4.43
N SER B 104 -14.83 17.57 -3.59
CA SER B 104 -15.82 17.57 -2.51
C SER B 104 -15.25 18.09 -1.18
N LYS B 105 -15.80 19.19 -0.68
CA LYS B 105 -15.32 19.74 0.59
C LYS B 105 -15.56 18.79 1.77
N TRP B 106 -16.68 18.08 1.75
CA TRP B 106 -16.98 17.06 2.75
C TRP B 106 -15.89 15.98 2.84
N CYS B 107 -15.45 15.46 1.69
CA CYS B 107 -14.34 14.50 1.65
C CYS B 107 -13.07 15.03 2.32
N LEU B 108 -12.64 16.23 1.93
CA LEU B 108 -11.43 16.86 2.48
C LEU B 108 -11.56 17.10 3.98
N MET B 109 -12.71 17.59 4.38
CA MET B 109 -13.02 17.85 5.79
C MET B 109 -12.89 16.56 6.57
N GLU B 110 -13.42 15.48 5.99
CA GLU B 110 -13.43 14.21 6.70
C GLU B 110 -12.04 13.58 6.76
N LEU B 111 -11.28 13.69 5.67
CA LEU B 111 -9.92 13.17 5.64
C LEU B 111 -9.09 13.85 6.73
N ALA B 112 -9.15 15.17 6.80
CA ALA B 112 -8.42 15.95 7.80
C ALA B 112 -8.75 15.48 9.21
N GLU B 113 -10.02 15.21 9.43
CA GLU B 113 -10.52 14.75 10.72
C GLU B 113 -10.05 13.32 10.97
N ILE B 114 -10.10 12.50 9.93
CA ILE B 114 -9.56 11.15 10.00
C ILE B 114 -8.08 11.16 10.41
N VAL B 115 -7.31 12.03 9.77
CA VAL B 115 -5.89 12.21 10.09
C VAL B 115 -5.67 12.67 11.53
N ARG B 116 -6.41 13.70 11.95
CA ARG B 116 -6.27 14.24 13.30
C ARG B 116 -6.53 13.15 14.33
N ARG B 117 -7.58 12.37 14.11
CA ARG B 117 -7.94 11.37 15.10
C ARG B 117 -6.92 10.26 15.20
N GLN B 118 -6.30 9.91 14.07
CA GLN B 118 -5.26 8.89 14.06
C GLN B 118 -4.02 9.38 14.80
N GLU B 119 -3.68 10.65 14.61
CA GLU B 119 -2.57 11.27 15.32
C GLU B 119 -2.77 11.28 16.85
N GLU B 120 -4.00 11.51 17.30
CA GLU B 120 -4.36 11.44 18.71
C GLU B 120 -4.27 10.03 19.28
N ASP B 121 -4.68 9.06 18.47
CA ASP B 121 -4.71 7.66 18.87
C ASP B 121 -4.11 6.77 17.79
N PRO B 122 -2.78 6.77 17.69
CA PRO B 122 -1.97 6.02 16.74
C PRO B 122 -2.27 4.51 16.67
N ARG B 123 -3.16 4.03 17.53
CA ARG B 123 -3.64 2.65 17.44
C ARG B 123 -4.61 2.52 16.28
N ARG B 124 -5.20 3.65 15.89
CA ARG B 124 -6.08 3.69 14.74
C ARG B 124 -5.28 3.61 13.45
N ILE B 125 -5.87 2.96 12.45
CA ILE B 125 -5.19 2.72 11.19
C ILE B 125 -5.93 3.37 10.03
N ILE B 126 -5.16 3.97 9.12
CA ILE B 126 -5.70 4.55 7.90
C ILE B 126 -5.22 3.71 6.72
N LEU B 127 -6.16 3.24 5.92
CA LEU B 127 -5.85 2.34 4.80
C LEU B 127 -6.32 2.95 3.49
N PRO B 128 -5.45 3.70 2.80
CA PRO B 128 -5.93 4.38 1.60
C PRO B 128 -6.11 3.44 0.41
N ILE B 129 -7.15 3.68 -0.38
CA ILE B 129 -7.30 3.08 -1.68
C ILE B 129 -7.12 4.17 -2.73
N PHE B 130 -6.17 4.01 -3.63
CA PHE B 130 -6.00 4.98 -4.69
C PHE B 130 -6.76 4.47 -5.91
N TYR B 131 -7.95 5.02 -6.11
CA TYR B 131 -8.84 4.56 -7.14
C TYR B 131 -8.61 5.30 -8.44
N MET B 132 -7.83 4.69 -9.33
CA MET B 132 -7.66 5.19 -10.69
C MET B 132 -6.99 6.55 -10.73
N VAL B 133 -6.19 6.82 -9.71
CA VAL B 133 -5.36 8.02 -9.69
C VAL B 133 -3.95 7.58 -9.34
N ASP B 134 -2.99 8.30 -9.88
CA ASP B 134 -1.59 8.13 -9.54
C ASP B 134 -1.37 8.65 -8.11
N PRO B 135 -0.83 7.81 -7.22
CA PRO B 135 -0.59 8.26 -5.85
C PRO B 135 0.23 9.57 -5.76
N SER B 136 1.11 9.83 -6.73
CA SER B 136 1.83 11.10 -6.83
C SER B 136 0.91 12.33 -6.82
N ASP B 137 -0.20 12.25 -7.56
CA ASP B 137 -1.16 13.35 -7.55
C ASP B 137 -1.83 13.51 -6.20
N VAL B 138 -2.14 12.41 -5.54
CA VAL B 138 -2.68 12.49 -4.18
C VAL B 138 -1.65 13.09 -3.22
N ARG B 139 -0.39 12.68 -3.36
CA ARG B 139 0.69 13.15 -2.48
C ARG B 139 1.00 14.65 -2.62
N HIS B 140 0.90 15.17 -3.83
CA HIS B 140 1.29 16.56 -4.07
C HIS B 140 0.11 17.45 -4.47
N GLN B 141 -1.07 16.84 -4.55
CA GLN B 141 -2.28 17.53 -5.01
C GLN B 141 -2.08 18.16 -6.37
N THR B 142 -1.51 17.37 -7.28
CA THR B 142 -1.30 17.80 -8.66
C THR B 142 -2.34 17.15 -9.56
N GLY B 143 -2.18 17.30 -10.88
CA GLY B 143 -3.09 16.64 -11.82
C GLY B 143 -4.55 17.06 -11.63
N CYS B 144 -5.42 16.07 -11.43
CA CYS B 144 -6.86 16.33 -11.25
C CYS B 144 -7.17 17.16 -9.99
N TYR B 145 -6.27 17.15 -9.02
CA TYR B 145 -6.52 17.87 -7.77
C TYR B 145 -6.17 19.36 -7.80
N LYS B 146 -5.29 19.77 -8.72
CA LYS B 146 -4.91 21.18 -8.83
C LYS B 146 -6.12 22.11 -8.89
N LYS B 147 -7.04 21.83 -9.80
CA LYS B 147 -8.19 22.70 -9.99
C LYS B 147 -9.16 22.70 -8.80
N ALA B 148 -9.28 21.57 -8.09
CA ALA B 148 -10.09 21.56 -6.88
C ALA B 148 -9.57 22.58 -5.88
N PHE B 149 -8.27 22.56 -5.64
CA PHE B 149 -7.71 23.44 -4.63
C PHE B 149 -7.72 24.90 -5.08
N ARG B 150 -7.57 25.13 -6.38
CA ARG B 150 -7.70 26.46 -6.95
C ARG B 150 -9.10 27.01 -6.66
N LYS B 151 -10.09 26.15 -6.86
CA LYS B 151 -11.47 26.51 -6.59
C LYS B 151 -11.73 26.83 -5.12
N HIS B 152 -11.33 25.92 -4.22
CA HIS B 152 -11.57 26.08 -2.80
C HIS B 152 -10.91 27.33 -2.23
N ALA B 153 -9.79 27.72 -2.82
CA ALA B 153 -9.02 28.87 -2.37
C ALA B 153 -9.75 30.19 -2.64
N ASN B 154 -10.87 30.10 -3.35
CA ASN B 154 -11.74 31.25 -3.50
C ASN B 154 -12.62 31.49 -2.28
N LYS B 155 -12.81 30.45 -1.48
CA LYS B 155 -13.77 30.50 -0.36
C LYS B 155 -13.16 30.27 1.01
N PHE B 156 -12.02 29.57 1.06
CA PHE B 156 -11.42 29.20 2.35
C PHE B 156 -10.06 29.83 2.55
N ASP B 157 -9.69 30.07 3.81
CA ASP B 157 -8.40 30.66 4.10
C ASP B 157 -7.21 29.71 3.91
N GLY B 158 -6.02 30.27 4.02
CA GLY B 158 -4.79 29.54 3.76
C GLY B 158 -4.57 28.34 4.67
N GLN B 159 -4.92 28.51 5.93
CA GLN B 159 -4.74 27.45 6.92
C GLN B 159 -5.69 26.27 6.70
N THR B 160 -6.88 26.56 6.19
CA THR B 160 -7.85 25.49 5.91
C THR B 160 -7.37 24.70 4.70
N ILE B 161 -7.04 25.41 3.63
CA ILE B 161 -6.50 24.79 2.43
C ILE B 161 -5.29 23.92 2.76
N GLN B 162 -4.41 24.46 3.61
CA GLN B 162 -3.16 23.79 3.98
C GLN B 162 -3.43 22.52 4.76
N ASN B 163 -4.39 22.60 5.67
CA ASN B 163 -4.74 21.44 6.47
C ASN B 163 -5.25 20.33 5.55
N TRP B 164 -6.02 20.71 4.54
CA TRP B 164 -6.56 19.75 3.57
C TRP B 164 -5.47 19.11 2.71
N LYS B 165 -4.46 19.89 2.34
CA LYS B 165 -3.35 19.39 1.54
C LYS B 165 -2.47 18.49 2.38
N ASP B 166 -2.19 18.92 3.60
CA ASP B 166 -1.42 18.11 4.54
C ASP B 166 -2.05 16.73 4.77
N ALA B 167 -3.37 16.66 4.80
CA ALA B 167 -4.02 15.36 4.98
C ALA B 167 -3.87 14.43 3.75
N LEU B 168 -4.01 14.98 2.56
CA LEU B 168 -3.80 14.19 1.36
C LEU B 168 -2.34 13.74 1.24
N LYS B 169 -1.40 14.61 1.59
CA LYS B 169 0.00 14.22 1.57
C LYS B 169 0.27 13.08 2.54
N LYS B 170 -0.11 13.29 3.81
CA LYS B 170 -0.01 12.27 4.85
C LYS B 170 -0.54 10.92 4.38
N VAL B 171 -1.77 10.90 3.88
CA VAL B 171 -2.44 9.66 3.53
C VAL B 171 -1.90 9.11 2.22
N GLY B 172 -1.64 9.97 1.26
CA GLY B 172 -0.99 9.56 0.03
C GLY B 172 0.34 8.85 0.26
N ASP B 173 0.97 9.13 1.40
CA ASP B 173 2.25 8.51 1.74
C ASP B 173 2.16 7.21 2.56
N LEU B 174 0.94 6.75 2.83
CA LEU B 174 0.73 5.51 3.57
C LEU B 174 0.63 4.34 2.59
N LYS B 175 1.00 3.14 3.05
CA LYS B 175 0.85 1.94 2.25
C LYS B 175 -0.64 1.66 2.04
N GLY B 176 -0.98 1.12 0.88
CA GLY B 176 -2.38 0.93 0.53
C GLY B 176 -2.48 0.14 -0.77
N TRP B 177 -3.61 0.30 -1.46
CA TRP B 177 -3.85 -0.46 -2.68
C TRP B 177 -4.19 0.52 -3.77
N HIS B 178 -3.47 0.42 -4.88
CA HIS B 178 -3.90 1.13 -6.07
C HIS B 178 -4.91 0.28 -6.82
N ILE B 179 -5.92 0.94 -7.38
CA ILE B 179 -6.86 0.29 -8.27
C ILE B 179 -6.81 0.96 -9.63
N GLY B 180 -6.49 0.19 -10.67
CA GLY B 180 -6.37 0.72 -12.00
C GLY B 180 -7.42 0.14 -12.93
N LYS B 181 -7.36 0.53 -14.20
CA LYS B 181 -8.39 0.12 -15.14
C LYS B 181 -8.38 -1.40 -15.40
N ASN B 182 -7.25 -2.05 -15.16
CA ASN B 182 -7.12 -3.48 -15.43
C ASN B 182 -7.34 -4.37 -14.22
N ASP B 183 -7.56 -3.76 -13.06
CA ASP B 183 -7.82 -4.54 -11.86
C ASP B 183 -9.21 -5.10 -11.86
N LYS B 184 -9.31 -6.30 -11.29
CA LYS B 184 -10.57 -6.92 -10.91
C LYS B 184 -10.92 -6.37 -9.54
N GLN B 185 -11.78 -5.37 -9.48
CA GLN B 185 -12.06 -4.68 -8.23
C GLN B 185 -12.62 -5.61 -7.13
N GLY B 186 -13.36 -6.64 -7.53
CA GLY B 186 -13.91 -7.60 -6.59
C GLY B 186 -12.83 -8.41 -5.89
N ALA B 187 -11.75 -8.69 -6.60
CA ALA B 187 -10.65 -9.43 -6.01
C ALA B 187 -9.92 -8.56 -5.00
N ILE B 188 -9.76 -7.28 -5.32
CA ILE B 188 -9.08 -6.37 -4.42
C ILE B 188 -9.91 -6.21 -3.17
N ALA B 189 -11.22 -6.02 -3.38
CA ALA B 189 -12.13 -5.90 -2.24
C ALA B 189 -12.00 -7.09 -1.30
N ASP B 190 -11.87 -8.29 -1.88
CA ASP B 190 -11.73 -9.50 -1.08
C ASP B 190 -10.42 -9.50 -0.31
N LYS B 191 -9.36 -9.02 -0.96
CA LYS B 191 -8.06 -8.96 -0.31
C LYS B 191 -8.09 -7.93 0.82
N VAL B 192 -8.68 -6.78 0.56
CA VAL B 192 -8.72 -5.73 1.55
C VAL B 192 -9.55 -6.13 2.76
N SER B 193 -10.73 -6.72 2.51
CA SER B 193 -11.61 -7.12 3.60
C SER B 193 -11.02 -8.27 4.43
N ALA B 194 -10.32 -9.19 3.78
CA ALA B 194 -9.67 -10.28 4.52
C ALA B 194 -8.58 -9.72 5.42
N ASP B 195 -7.78 -8.82 4.88
CA ASP B 195 -6.72 -8.15 5.64
C ASP B 195 -7.28 -7.42 6.86
N ILE B 196 -8.39 -6.72 6.64
CA ILE B 196 -9.04 -5.99 7.72
C ILE B 196 -9.59 -6.94 8.79
N TRP B 197 -10.23 -8.02 8.34
CA TRP B 197 -10.81 -8.99 9.25
C TRP B 197 -9.76 -9.65 10.13
N SER B 198 -8.62 -10.00 9.56
CA SER B 198 -7.58 -10.70 10.30
C SER B 198 -6.95 -9.79 11.34
N HIS B 199 -6.79 -8.52 10.99
CA HIS B 199 -6.29 -7.52 11.92
C HIS B 199 -7.25 -7.28 13.10
N ILE B 200 -8.53 -7.13 12.79
CA ILE B 200 -9.55 -6.91 13.81
C ILE B 200 -9.62 -8.02 14.89
N SER B 201 -8.69 -8.97 14.83
CA SER B 201 -8.63 -10.00 15.87
C SER B 201 -7.31 -9.96 16.64
CO CO C . 19.38 -2.18 16.50
#